data_6SZ0
#
_entry.id   6SZ0
#
_cell.length_a   43.197
_cell.length_b   44.204
_cell.length_c   50.154
_cell.angle_alpha   76.310
_cell.angle_beta   65.696
_cell.angle_gamma   70.744
#
_symmetry.space_group_name_H-M   'P 1'
#
loop_
_entity.id
_entity.type
_entity.pdbx_description
1 polymer 'glucuronoyl esterase OtCE15A'
2 non-polymer 'MAGNESIUM ION'
3 non-polymer 'SULFATE ION'
4 non-polymer DI(HYDROXYETHYL)ETHER
5 non-polymer GLYCEROL
6 non-polymer 1,2-ETHANEDIOL
7 water water
#
_entity_poly.entity_id   1
_entity_poly.type   'polypeptide(L)'
_entity_poly.pdbx_seq_one_letter_code
;MGSSHHHHHHSSENLYFQGHSAYTLPDPLVGADGTRVHDRATWQHRRRPELLQLFAREVYGRTPLGRPEGMVFKVTTMEH
AALGGAATRKEVTVRFGRDPNAPSMQLLLYVPNAVIARAERAPVFLGLNFYGNHTVHTDPAIALSARWIPAEAPNGANHR
ATEAARGSDAQKWPVEQILARGYAVATVYCGDLCPDRPDGLNASVASWLDAAAGDQRAPDAWGAIGVWAWGLSRALDYLE
TDPLVDASRVAVHGHSRLGKAALWAGAQDDRFALVISNESGCGGAALSKRIHGETVARINTVFPHWFARNFRRYDDHEEA
LPVDQHELLALVAPRPLYVASAEDDDWADPRGEFLAVKAAEPVFRLFGQTGPSGEDVPRVNEPSGGALRYHIRPGPAGMT
AQDWAFYLAFADEWLKSALPA
;
_entity_poly.pdbx_strand_id   A
#
# COMPACT_ATOMS: atom_id res chain seq x y z
N THR A 24 -21.94 14.84 2.55
CA THR A 24 -22.87 13.71 2.54
C THR A 24 -22.32 12.53 1.74
N LEU A 25 -22.23 11.37 2.40
CA LEU A 25 -21.49 10.30 1.75
C LEU A 25 -22.39 9.39 0.93
N PRO A 26 -21.92 8.91 -0.22
CA PRO A 26 -22.61 7.82 -0.90
C PRO A 26 -22.62 6.57 -0.02
N ASP A 27 -23.69 5.80 -0.12
CA ASP A 27 -23.81 4.55 0.63
C ASP A 27 -23.11 3.41 -0.11
N PRO A 28 -22.11 2.76 0.49
CA PRO A 28 -21.46 1.65 -0.22
C PRO A 28 -22.41 0.51 -0.51
N LEU A 29 -23.46 0.34 0.29
CA LEU A 29 -24.41 -0.76 0.15
C LEU A 29 -25.66 -0.38 -0.64
N VAL A 30 -25.59 0.71 -1.40
CA VAL A 30 -26.60 1.04 -2.39
C VAL A 30 -25.88 1.10 -3.72
N GLY A 31 -26.30 0.27 -4.67
CA GLY A 31 -25.64 0.20 -5.94
C GLY A 31 -25.92 1.42 -6.79
N ALA A 32 -25.20 1.50 -7.90
CA ALA A 32 -25.32 2.68 -8.76
C ALA A 32 -26.76 2.86 -9.26
N ASP A 33 -27.50 1.76 -9.43
CA ASP A 33 -28.88 1.84 -9.90
C ASP A 33 -29.90 1.98 -8.78
N GLY A 34 -29.46 2.22 -7.55
CA GLY A 34 -30.37 2.43 -6.45
C GLY A 34 -30.76 1.19 -5.68
N THR A 35 -30.28 0.02 -6.07
CA THR A 35 -30.68 -1.23 -5.45
CA THR A 35 -30.68 -1.23 -5.45
C THR A 35 -29.80 -1.54 -4.24
N ARG A 36 -30.42 -2.05 -3.19
CA ARG A 36 -29.71 -2.29 -1.94
C ARG A 36 -28.92 -3.59 -2.03
N VAL A 37 -27.68 -3.53 -1.54
CA VAL A 37 -26.80 -4.69 -1.47
C VAL A 37 -27.00 -5.31 -0.11
N HIS A 38 -27.68 -6.45 -0.07
CA HIS A 38 -28.01 -7.16 1.16
C HIS A 38 -27.19 -8.43 1.37
N ASP A 39 -26.36 -8.83 0.41
CA ASP A 39 -25.68 -10.11 0.52
C ASP A 39 -24.26 -10.03 -0.02
N ARG A 40 -23.44 -10.98 0.43
CA ARG A 40 -22.02 -11.03 0.10
C ARG A 40 -21.76 -11.28 -1.39
N ALA A 41 -22.61 -12.03 -2.07
CA ALA A 41 -22.37 -12.29 -3.49
C ALA A 41 -22.65 -11.06 -4.34
N THR A 42 -23.72 -10.34 -4.01
CA THR A 42 -24.01 -9.10 -4.71
C THR A 42 -22.89 -8.08 -4.50
N TRP A 43 -22.39 -7.99 -3.28
CA TRP A 43 -21.24 -7.14 -3.01
C TRP A 43 -20.05 -7.56 -3.88
N GLN A 44 -19.63 -8.83 -3.77
CA GLN A 44 -18.39 -9.26 -4.40
C GLN A 44 -18.45 -9.18 -5.92
N HIS A 45 -19.58 -9.54 -6.51
CA HIS A 45 -19.63 -9.71 -7.95
C HIS A 45 -20.38 -8.63 -8.69
N ARG A 46 -21.16 -7.78 -8.01
CA ARG A 46 -21.69 -6.61 -8.67
C ARG A 46 -21.17 -5.28 -8.12
N ARG A 47 -21.21 -5.10 -6.81
CA ARG A 47 -20.89 -3.79 -6.25
C ARG A 47 -19.38 -3.51 -6.33
N ARG A 48 -18.55 -4.48 -5.93
CA ARG A 48 -17.11 -4.28 -5.98
CA ARG A 48 -17.11 -4.28 -5.98
C ARG A 48 -16.64 -3.87 -7.37
N PRO A 49 -16.98 -4.58 -8.45
CA PRO A 49 -16.58 -4.07 -9.78
C PRO A 49 -17.09 -2.68 -10.09
N GLU A 50 -18.31 -2.34 -9.69
CA GLU A 50 -18.82 -0.99 -9.90
C GLU A 50 -17.89 0.04 -9.26
N LEU A 51 -17.56 -0.19 -7.99
CA LEU A 51 -16.72 0.76 -7.26
C LEU A 51 -15.30 0.80 -7.82
N LEU A 52 -14.73 -0.35 -8.09
CA LEU A 52 -13.37 -0.38 -8.63
C LEU A 52 -13.27 0.47 -9.89
N GLN A 53 -14.30 0.41 -10.76
CA GLN A 53 -14.28 1.20 -12.00
C GLN A 53 -14.43 2.69 -11.77
N LEU A 54 -15.20 3.10 -10.75
CA LEU A 54 -15.30 4.52 -10.41
C LEU A 54 -13.98 5.06 -9.89
N PHE A 55 -13.35 4.34 -8.96
CA PHE A 55 -12.04 4.77 -8.50
C PHE A 55 -11.03 4.83 -9.64
N ALA A 56 -11.07 3.85 -10.54
CA ALA A 56 -10.14 3.82 -11.66
C ALA A 56 -10.36 5.02 -12.57
N ARG A 57 -11.60 5.28 -12.95
N ARG A 57 -11.60 5.27 -12.97
CA ARG A 57 -11.91 6.31 -13.93
CA ARG A 57 -11.87 6.32 -13.94
C ARG A 57 -11.75 7.71 -13.35
C ARG A 57 -11.70 7.71 -13.32
N GLU A 58 -12.20 7.91 -12.10
CA GLU A 58 -12.32 9.24 -11.54
C GLU A 58 -11.21 9.63 -10.59
N VAL A 59 -10.45 8.67 -10.04
CA VAL A 59 -9.51 8.98 -9.00
C VAL A 59 -8.10 8.58 -9.39
N TYR A 60 -7.81 7.27 -9.39
CA TYR A 60 -6.41 6.85 -9.55
C TYR A 60 -6.02 6.70 -11.02
N GLY A 61 -6.99 6.56 -11.90
CA GLY A 61 -6.72 6.17 -13.27
C GLY A 61 -6.75 4.66 -13.42
N ARG A 62 -6.89 4.23 -14.67
CA ARG A 62 -7.07 2.82 -14.96
C ARG A 62 -5.74 2.07 -14.92
N THR A 63 -5.72 1.01 -14.17
CA THR A 63 -4.64 0.02 -14.22
C THR A 63 -4.78 -0.73 -15.55
N PRO A 64 -3.86 -0.58 -16.49
CA PRO A 64 -4.13 -1.09 -17.86
C PRO A 64 -4.04 -2.60 -17.99
N LEU A 65 -3.32 -3.27 -17.11
CA LEU A 65 -3.28 -4.72 -17.05
C LEU A 65 -2.73 -5.10 -15.67
N GLY A 66 -3.04 -6.32 -15.26
CA GLY A 66 -2.52 -6.87 -14.03
C GLY A 66 -1.15 -7.43 -14.28
N ARG A 67 -1.03 -8.75 -14.11
CA ARG A 67 0.26 -9.38 -14.31
C ARG A 67 0.61 -9.36 -15.78
N PRO A 68 1.74 -8.82 -16.20
CA PRO A 68 2.10 -8.86 -17.62
C PRO A 68 2.69 -10.22 -17.98
N GLU A 69 2.57 -10.59 -19.24
CA GLU A 69 3.21 -11.85 -19.60
C GLU A 69 4.73 -11.69 -19.51
N GLY A 70 5.40 -12.81 -19.26
CA GLY A 70 6.84 -12.82 -19.31
C GLY A 70 7.54 -12.25 -18.10
N MET A 71 6.93 -12.26 -16.92
CA MET A 71 7.64 -11.83 -15.73
CA MET A 71 7.64 -11.85 -15.72
C MET A 71 8.83 -12.75 -15.50
N VAL A 72 9.96 -12.15 -15.19
CA VAL A 72 11.18 -12.89 -14.91
C VAL A 72 11.68 -12.48 -13.53
N PHE A 73 12.10 -13.47 -12.73
CA PHE A 73 12.56 -13.29 -11.35
C PHE A 73 14.00 -13.79 -11.28
N LYS A 74 14.95 -12.88 -11.04
CA LYS A 74 16.37 -13.20 -10.96
C LYS A 74 16.88 -12.87 -9.58
N VAL A 75 17.23 -13.89 -8.80
CA VAL A 75 17.84 -13.69 -7.50
C VAL A 75 19.29 -13.28 -7.74
N THR A 76 19.62 -12.05 -7.37
CA THR A 76 20.94 -11.50 -7.61
C THR A 76 21.88 -11.78 -6.44
N THR A 77 21.39 -11.68 -5.20
CA THR A 77 22.18 -11.95 -4.01
C THR A 77 21.40 -12.81 -3.05
N MET A 78 22.10 -13.67 -2.32
CA MET A 78 21.47 -14.55 -1.35
C MET A 78 22.45 -14.82 -0.21
N GLU A 79 22.13 -14.32 1.00
CA GLU A 79 22.97 -14.49 2.18
C GLU A 79 22.14 -15.16 3.28
N HIS A 80 22.56 -16.34 3.73
CA HIS A 80 21.78 -17.09 4.71
C HIS A 80 22.08 -16.73 6.16
N ALA A 81 23.06 -15.86 6.39
CA ALA A 81 23.46 -15.46 7.73
C ALA A 81 23.44 -13.93 7.88
N ALA A 82 22.48 -13.28 7.22
CA ALA A 82 22.33 -11.84 7.35
C ALA A 82 21.85 -11.46 8.75
N LEU A 83 22.08 -10.21 9.13
CA LEU A 83 21.73 -9.68 10.46
C LEU A 83 22.25 -10.62 11.57
N GLY A 84 23.54 -10.94 11.47
CA GLY A 84 24.18 -11.76 12.49
C GLY A 84 23.59 -13.14 12.67
N GLY A 85 23.02 -13.71 11.62
CA GLY A 85 22.45 -15.04 11.69
C GLY A 85 20.94 -15.05 11.82
N ALA A 86 20.31 -13.91 12.03
CA ALA A 86 18.88 -13.89 12.27
C ALA A 86 18.07 -14.05 10.99
N ALA A 87 18.61 -13.68 9.82
CA ALA A 87 17.81 -13.69 8.61
C ALA A 87 18.57 -14.25 7.41
N THR A 88 17.80 -14.76 6.45
CA THR A 88 18.24 -14.92 5.08
C THR A 88 17.83 -13.67 4.30
N ARG A 89 18.80 -13.06 3.62
CA ARG A 89 18.57 -11.85 2.84
C ARG A 89 18.63 -12.19 1.37
N LYS A 90 17.58 -11.86 0.64
CA LYS A 90 17.52 -12.04 -0.80
C LYS A 90 17.33 -10.70 -1.49
N GLU A 91 18.06 -10.47 -2.57
CA GLU A 91 17.78 -9.35 -3.47
C GLU A 91 17.38 -9.91 -4.82
N VAL A 92 16.25 -9.42 -5.35
CA VAL A 92 15.62 -10.02 -6.52
C VAL A 92 15.29 -8.94 -7.54
N THR A 93 15.76 -9.14 -8.76
CA THR A 93 15.35 -8.31 -9.88
C THR A 93 14.07 -8.89 -10.46
N VAL A 94 12.98 -8.13 -10.39
CA VAL A 94 11.69 -8.54 -10.93
C VAL A 94 11.52 -7.77 -12.24
N ARG A 95 11.70 -8.45 -13.38
CA ARG A 95 11.61 -7.82 -14.69
C ARG A 95 10.21 -8.02 -15.25
N PHE A 96 9.63 -6.97 -15.84
CA PHE A 96 8.23 -7.02 -16.22
C PHE A 96 8.03 -7.54 -17.64
N GLY A 97 8.91 -8.40 -18.11
CA GLY A 97 8.84 -8.94 -19.45
C GLY A 97 10.10 -9.73 -19.71
N ARG A 98 10.10 -10.59 -20.73
CA ARG A 98 11.20 -11.54 -20.87
C ARG A 98 12.44 -10.92 -21.51
N ASP A 99 12.26 -9.89 -22.29
CA ASP A 99 13.41 -9.28 -22.91
C ASP A 99 14.23 -8.60 -21.82
N PRO A 100 15.55 -8.78 -21.79
CA PRO A 100 16.36 -8.06 -20.79
C PRO A 100 16.20 -6.55 -20.88
N ASN A 101 15.55 -6.00 -21.92
CA ASN A 101 15.31 -4.57 -22.02
C ASN A 101 13.97 -4.10 -21.45
N ALA A 102 13.15 -4.98 -20.92
CA ALA A 102 11.93 -4.51 -20.27
C ALA A 102 12.29 -3.87 -18.93
N PRO A 103 11.46 -2.95 -18.43
CA PRO A 103 11.73 -2.39 -17.10
C PRO A 103 11.67 -3.44 -15.98
N SER A 104 12.28 -3.07 -14.86
CA SER A 104 12.37 -3.96 -13.71
C SER A 104 12.29 -3.16 -12.42
N MET A 105 12.19 -3.89 -11.32
CA MET A 105 12.33 -3.30 -9.99
C MET A 105 13.19 -4.23 -9.15
N GLN A 106 13.77 -3.68 -8.08
CA GLN A 106 14.67 -4.44 -7.23
C GLN A 106 13.99 -4.67 -5.88
N LEU A 107 13.77 -5.94 -5.55
CA LEU A 107 13.10 -6.32 -4.32
C LEU A 107 14.13 -6.81 -3.30
N LEU A 108 14.05 -6.27 -2.09
CA LEU A 108 14.84 -6.74 -0.96
C LEU A 108 13.94 -7.53 -0.02
N LEU A 109 14.41 -8.68 0.42
CA LEU A 109 13.64 -9.60 1.26
C LEU A 109 14.49 -10.11 2.41
N TYR A 110 14.05 -9.89 3.65
CA TYR A 110 14.63 -10.58 4.80
C TYR A 110 13.63 -11.61 5.31
N VAL A 111 14.07 -12.84 5.51
CA VAL A 111 13.23 -13.94 5.97
C VAL A 111 13.79 -14.42 7.31
N PRO A 112 12.97 -14.62 8.35
CA PRO A 112 13.48 -15.08 9.64
C PRO A 112 14.00 -16.52 9.58
N ASN A 113 15.31 -16.69 9.83
CA ASN A 113 15.89 -18.04 9.79
C ASN A 113 15.24 -18.99 10.78
N ALA A 114 14.72 -18.47 11.89
CA ALA A 114 14.06 -19.33 12.87
C ALA A 114 12.88 -20.07 12.26
N VAL A 115 12.18 -19.44 11.32
CA VAL A 115 11.02 -20.08 10.72
C VAL A 115 11.45 -21.05 9.62
N ILE A 116 12.34 -20.63 8.73
CA ILE A 116 12.67 -21.54 7.63
C ILE A 116 13.58 -22.68 8.08
N ALA A 117 14.29 -22.54 9.19
CA ALA A 117 15.01 -23.69 9.76
C ALA A 117 14.06 -24.78 10.24
N ARG A 118 12.80 -24.43 10.51
CA ARG A 118 11.78 -25.39 10.89
C ARG A 118 11.08 -26.03 9.71
N ALA A 119 11.52 -25.77 8.49
CA ALA A 119 10.84 -26.27 7.29
C ALA A 119 9.45 -25.67 7.16
N GLU A 120 9.33 -24.37 7.44
CA GLU A 120 8.06 -23.68 7.34
C GLU A 120 8.25 -22.42 6.52
N ARG A 121 7.18 -21.98 5.91
CA ARG A 121 7.18 -20.79 5.07
C ARG A 121 6.70 -19.61 5.90
N ALA A 122 7.42 -18.50 5.82
CA ALA A 122 7.10 -17.35 6.65
C ALA A 122 6.03 -16.46 6.02
N PRO A 123 5.12 -15.92 6.83
CA PRO A 123 4.22 -14.85 6.33
C PRO A 123 5.07 -13.59 6.15
N VAL A 124 4.51 -12.61 5.45
CA VAL A 124 5.35 -11.50 4.98
C VAL A 124 4.64 -10.17 5.18
N PHE A 125 5.41 -9.15 5.60
CA PHE A 125 5.05 -7.74 5.47
C PHE A 125 5.71 -7.19 4.23
N LEU A 126 4.91 -6.58 3.33
CA LEU A 126 5.40 -6.05 2.06
C LEU A 126 5.01 -4.59 1.97
N GLY A 127 5.99 -3.72 1.67
CA GLY A 127 5.70 -2.31 1.53
C GLY A 127 6.77 -1.60 0.73
N LEU A 128 6.36 -0.55 0.03
CA LEU A 128 7.32 0.29 -0.69
C LEU A 128 8.10 1.20 0.28
N ASN A 129 9.28 1.62 -0.14
CA ASN A 129 10.05 2.59 0.63
C ASN A 129 10.26 3.87 -0.17
N PHE A 130 10.63 4.90 0.55
CA PHE A 130 10.67 6.25 0.00
C PHE A 130 11.99 6.59 -0.69
N TYR A 131 13.11 6.06 -0.22
CA TYR A 131 14.43 6.62 -0.60
C TYR A 131 15.41 5.55 -1.09
N GLY A 132 15.01 4.30 -1.17
CA GLY A 132 15.85 3.24 -1.71
C GLY A 132 15.96 2.10 -0.71
N ASN A 133 16.09 0.88 -1.25
CA ASN A 133 16.24 -0.29 -0.39
C ASN A 133 17.36 -0.11 0.63
N HIS A 134 18.49 0.50 0.23
CA HIS A 134 19.65 0.65 1.11
C HIS A 134 19.36 1.53 2.32
N THR A 135 18.25 2.27 2.30
CA THR A 135 17.91 3.14 3.41
C THR A 135 17.06 2.48 4.48
N VAL A 136 16.47 1.30 4.21
CA VAL A 136 15.60 0.71 5.22
C VAL A 136 16.38 0.05 6.34
N HIS A 137 17.67 -0.24 6.15
CA HIS A 137 18.53 -0.87 7.13
C HIS A 137 19.97 -0.48 6.82
N THR A 138 20.81 -0.41 7.86
CA THR A 138 22.20 -0.02 7.62
C THR A 138 23.02 -1.13 6.98
N ASP A 139 22.48 -2.35 6.94
CA ASP A 139 23.11 -3.50 6.33
C ASP A 139 23.92 -3.11 5.10
N PRO A 140 25.26 -3.12 5.18
CA PRO A 140 26.06 -2.61 4.07
C PRO A 140 26.11 -3.50 2.85
N ALA A 141 25.50 -4.69 2.91
CA ALA A 141 25.46 -5.59 1.76
C ALA A 141 24.25 -5.35 0.86
N ILE A 142 23.34 -4.46 1.26
CA ILE A 142 22.24 -4.07 0.37
C ILE A 142 22.80 -3.29 -0.82
N ALA A 143 22.31 -3.61 -2.02
CA ALA A 143 22.70 -2.84 -3.19
C ALA A 143 22.23 -1.39 -3.05
N LEU A 144 23.11 -0.46 -3.33
CA LEU A 144 22.66 0.92 -3.45
C LEU A 144 21.74 1.02 -4.65
N SER A 145 20.61 1.72 -4.49
CA SER A 145 19.76 1.95 -5.65
C SER A 145 20.56 2.71 -6.70
N ALA A 146 20.43 2.26 -7.95
CA ALA A 146 21.03 2.94 -9.09
C ALA A 146 20.08 3.90 -9.77
N ARG A 147 18.96 4.22 -9.14
CA ARG A 147 17.91 5.04 -9.72
C ARG A 147 17.97 6.45 -9.18
N TRP A 148 17.17 7.32 -9.80
CA TRP A 148 17.00 8.69 -9.33
C TRP A 148 16.41 8.67 -7.93
N ILE A 149 17.02 9.48 -7.05
CA ILE A 149 16.63 9.64 -5.65
C ILE A 149 16.15 11.07 -5.45
N PRO A 150 15.07 11.32 -4.71
CA PRO A 150 14.60 12.69 -4.56
C PRO A 150 15.52 13.53 -3.70
N ALA A 151 15.37 14.85 -3.85
CA ALA A 151 16.26 15.78 -3.18
C ALA A 151 16.11 15.70 -1.67
N GLU A 152 14.89 15.48 -1.18
CA GLU A 152 14.66 15.42 0.25
C GLU A 152 15.28 14.19 0.91
N ALA A 153 15.73 13.22 0.13
CA ALA A 153 16.30 12.02 0.73
C ALA A 153 17.52 12.38 1.57
N PRO A 154 17.66 11.80 2.77
CA PRO A 154 18.84 12.12 3.59
C PRO A 154 20.12 11.65 2.92
N ASN A 155 21.10 12.55 2.85
CA ASN A 155 22.48 12.19 2.49
C ASN A 155 22.60 11.73 1.04
N GLY A 156 21.83 12.35 0.14
CA GLY A 156 21.95 12.07 -1.27
C GLY A 156 22.92 13.03 -1.95
N ALA A 157 23.73 12.50 -2.85
CA ALA A 157 24.73 13.28 -3.58
C ALA A 157 24.21 13.51 -4.99
N ASN A 158 23.54 14.61 -5.22
CA ASN A 158 23.04 15.00 -6.54
C ASN A 158 22.03 13.91 -7.07
N HIS A 159 21.04 13.59 -6.25
CA HIS A 159 19.99 12.62 -6.64
C HIS A 159 20.51 11.19 -6.88
N ARG A 160 21.65 10.83 -6.33
CA ARG A 160 22.18 9.48 -6.44
C ARG A 160 22.43 8.92 -5.04
N ALA A 161 22.11 7.64 -4.87
CA ALA A 161 22.39 6.99 -3.60
C ALA A 161 23.89 7.05 -3.30
N THR A 162 24.20 7.14 -2.00
CA THR A 162 25.56 7.18 -1.47
C THR A 162 25.66 6.19 -0.30
N GLU A 163 26.89 5.79 0.02
CA GLU A 163 27.08 4.96 1.21
C GLU A 163 26.54 5.66 2.45
N ALA A 164 26.56 7.00 2.47
CA ALA A 164 26.11 7.73 3.64
C ALA A 164 24.60 7.62 3.85
N ALA A 165 23.84 7.28 2.80
CA ALA A 165 22.39 7.16 2.91
C ALA A 165 21.96 5.84 3.51
N ARG A 166 22.89 4.91 3.73
CA ARG A 166 22.53 3.60 4.25
C ARG A 166 21.88 3.71 5.61
N GLY A 167 20.73 3.03 5.77
CA GLY A 167 19.99 3.08 7.01
C GLY A 167 19.35 4.42 7.33
N SER A 168 19.34 5.34 6.36
CA SER A 168 18.80 6.69 6.55
C SER A 168 17.32 6.72 6.93
N ASP A 169 16.57 5.68 6.62
CA ASP A 169 15.14 5.61 6.88
C ASP A 169 14.81 4.41 7.77
N ALA A 170 15.81 3.91 8.50
CA ALA A 170 15.59 2.70 9.29
C ALA A 170 14.58 2.92 10.42
N GLN A 171 14.30 4.16 10.79
N GLN A 171 14.28 4.16 10.79
CA GLN A 171 13.36 4.38 11.89
CA GLN A 171 13.36 4.36 11.91
C GLN A 171 11.94 3.95 11.53
C GLN A 171 11.93 3.97 11.53
N LYS A 172 11.62 3.88 10.24
CA LYS A 172 10.31 3.42 9.78
C LYS A 172 10.27 1.91 9.55
N TRP A 173 11.38 1.21 9.77
CA TRP A 173 11.57 -0.18 9.36
C TRP A 173 12.17 -0.98 10.51
N PRO A 174 11.38 -1.38 11.47
CA PRO A 174 11.96 -2.16 12.59
C PRO A 174 12.18 -3.62 12.19
N VAL A 175 13.15 -3.84 11.30
CA VAL A 175 13.32 -5.15 10.67
C VAL A 175 13.55 -6.25 11.72
N GLU A 176 14.45 -6.02 12.66
CA GLU A 176 14.80 -7.06 13.62
C GLU A 176 13.61 -7.49 14.46
N GLN A 177 12.80 -6.53 14.93
CA GLN A 177 11.60 -6.88 15.68
C GLN A 177 10.59 -7.65 14.84
N ILE A 178 10.37 -7.22 13.58
CA ILE A 178 9.45 -7.94 12.70
C ILE A 178 9.90 -9.38 12.52
N LEU A 179 11.20 -9.60 12.29
CA LEU A 179 11.71 -10.95 12.10
C LEU A 179 11.58 -11.77 13.37
N ALA A 180 11.85 -11.16 14.52
CA ALA A 180 11.75 -11.85 15.80
C ALA A 180 10.32 -12.26 16.10
N ARG A 181 9.34 -11.61 15.48
CA ARG A 181 7.94 -11.98 15.65
C ARG A 181 7.48 -13.01 14.62
N GLY A 182 8.38 -13.46 13.75
CA GLY A 182 8.13 -14.54 12.82
C GLY A 182 7.72 -14.14 11.41
N TYR A 183 7.92 -12.87 11.04
CA TYR A 183 7.51 -12.35 9.72
C TYR A 183 8.72 -11.99 8.89
N ALA A 184 8.65 -12.28 7.59
CA ALA A 184 9.61 -11.75 6.62
C ALA A 184 9.28 -10.29 6.31
N VAL A 185 10.26 -9.58 5.83
CA VAL A 185 10.12 -8.17 5.44
C VAL A 185 10.54 -8.07 3.98
N ALA A 186 9.63 -7.59 3.13
CA ALA A 186 9.90 -7.37 1.72
C ALA A 186 9.67 -5.90 1.37
N THR A 187 10.57 -5.30 0.59
CA THR A 187 10.38 -3.91 0.20
C THR A 187 10.95 -3.65 -1.18
N VAL A 188 10.43 -2.61 -1.83
CA VAL A 188 10.89 -2.12 -3.13
C VAL A 188 10.85 -0.60 -3.06
N TYR A 189 11.86 0.05 -3.64
CA TYR A 189 11.87 1.51 -3.71
C TYR A 189 10.78 1.98 -4.68
N CYS A 190 9.93 2.91 -4.22
CA CYS A 190 8.82 3.33 -5.07
C CYS A 190 9.30 3.90 -6.40
N GLY A 191 10.48 4.50 -6.40
CA GLY A 191 11.05 5.14 -7.57
C GLY A 191 11.51 4.18 -8.65
N ASP A 192 11.64 2.88 -8.34
CA ASP A 192 11.82 1.87 -9.37
C ASP A 192 10.63 1.82 -10.30
N LEU A 193 9.44 2.14 -9.78
CA LEU A 193 8.19 2.03 -10.50
C LEU A 193 7.76 3.35 -11.10
N CYS A 194 7.80 4.39 -10.32
CA CYS A 194 7.59 5.77 -10.79
C CYS A 194 8.37 6.69 -9.86
N PRO A 195 9.42 7.35 -10.36
CA PRO A 195 10.09 8.38 -9.56
C PRO A 195 9.10 9.42 -9.05
N ASP A 196 9.24 9.82 -7.77
CA ASP A 196 8.27 10.73 -7.17
C ASP A 196 8.69 12.16 -7.49
N ARG A 197 8.36 12.56 -8.71
CA ARG A 197 8.57 13.90 -9.23
C ARG A 197 7.57 14.11 -10.35
N PRO A 198 7.22 15.35 -10.69
CA PRO A 198 6.10 15.55 -11.62
C PRO A 198 6.32 15.00 -13.02
N ASP A 199 7.57 14.86 -13.47
CA ASP A 199 7.85 14.26 -14.76
C ASP A 199 8.15 12.77 -14.66
N GLY A 200 7.92 12.16 -13.49
CA GLY A 200 8.35 10.79 -13.26
C GLY A 200 7.59 9.75 -14.05
N LEU A 201 6.34 10.04 -14.44
CA LEU A 201 5.61 9.05 -15.22
C LEU A 201 6.25 8.80 -16.57
N ASN A 202 7.00 9.75 -17.10
CA ASN A 202 7.67 9.57 -18.39
C ASN A 202 8.86 8.63 -18.29
N ALA A 203 9.37 8.41 -17.09
CA ALA A 203 10.49 7.51 -16.82
C ALA A 203 10.01 6.33 -15.98
N SER A 204 8.84 5.79 -16.32
CA SER A 204 8.20 4.85 -15.42
C SER A 204 7.66 3.68 -16.21
N VAL A 205 7.21 2.68 -15.46
CA VAL A 205 6.49 1.56 -16.03
C VAL A 205 5.38 2.06 -16.94
N ALA A 206 4.71 3.14 -16.55
CA ALA A 206 3.60 3.65 -17.36
C ALA A 206 4.08 4.04 -18.75
N SER A 207 5.28 4.56 -18.85
CA SER A 207 5.81 4.95 -20.16
C SER A 207 6.05 3.74 -21.05
N TRP A 208 6.34 2.59 -20.46
CA TRP A 208 6.55 1.36 -21.21
C TRP A 208 5.24 0.61 -21.41
N LEU A 209 4.42 0.54 -20.36
CA LEU A 209 3.25 -0.34 -20.33
C LEU A 209 2.19 0.18 -21.28
N ASP A 210 1.51 1.28 -20.93
CA ASP A 210 0.54 1.89 -21.84
C ASP A 210 1.18 2.91 -22.77
N ALA A 211 2.44 2.69 -23.14
CA ALA A 211 3.14 3.55 -24.08
C ALA A 211 2.36 3.72 -25.38
N ALA A 212 1.27 4.49 -25.35
CA ALA A 212 0.59 4.84 -26.60
C ALA A 212 1.53 5.66 -27.49
N ALA A 213 1.26 5.61 -28.79
CA ALA A 213 2.08 6.39 -29.72
C ALA A 213 2.05 7.87 -29.39
N GLY A 214 0.97 8.34 -28.76
CA GLY A 214 0.85 9.72 -28.39
C GLY A 214 1.69 10.07 -27.18
N ASP A 215 1.59 11.33 -26.78
CA ASP A 215 2.39 11.82 -25.67
C ASP A 215 1.55 12.38 -24.52
N GLN A 216 0.50 13.13 -24.81
CA GLN A 216 -0.28 13.67 -23.68
C GLN A 216 -0.89 12.53 -22.86
N ARG A 217 -0.77 12.61 -21.56
CA ARG A 217 -1.43 11.62 -20.70
C ARG A 217 -2.93 11.69 -20.91
N ALA A 218 -3.56 10.53 -21.12
CA ALA A 218 -5.01 10.48 -21.28
C ALA A 218 -5.72 10.89 -19.99
N PRO A 219 -6.98 11.33 -20.10
CA PRO A 219 -7.67 11.80 -18.88
C PRO A 219 -7.85 10.72 -17.82
N ASP A 220 -8.03 9.47 -18.20
CA ASP A 220 -8.21 8.39 -17.24
C ASP A 220 -6.97 7.53 -17.10
N ALA A 221 -5.82 8.02 -17.53
CA ALA A 221 -4.58 7.27 -17.36
C ALA A 221 -4.10 7.32 -15.91
N TRP A 222 -3.55 6.20 -15.43
CA TRP A 222 -3.03 6.12 -14.09
C TRP A 222 -1.84 7.06 -13.89
N GLY A 223 -1.63 7.44 -12.63
CA GLY A 223 -0.45 8.16 -12.19
C GLY A 223 0.39 7.33 -11.24
N ALA A 224 1.16 8.03 -10.40
CA ALA A 224 2.13 7.35 -9.53
C ALA A 224 1.46 6.37 -8.58
N ILE A 225 0.34 6.75 -7.95
CA ILE A 225 -0.26 5.85 -6.96
C ILE A 225 -0.70 4.55 -7.64
N GLY A 226 -1.27 4.65 -8.84
CA GLY A 226 -1.65 3.44 -9.58
C GLY A 226 -0.44 2.58 -9.95
N VAL A 227 0.64 3.23 -10.38
CA VAL A 227 1.84 2.50 -10.77
C VAL A 227 2.53 1.89 -9.54
N TRP A 228 2.63 2.67 -8.45
CA TRP A 228 3.17 2.11 -7.21
C TRP A 228 2.37 0.89 -6.75
N ALA A 229 1.03 1.00 -6.80
CA ALA A 229 0.19 -0.13 -6.39
C ALA A 229 0.43 -1.35 -7.25
N TRP A 230 0.57 -1.15 -8.55
CA TRP A 230 0.80 -2.28 -9.45
C TRP A 230 2.12 -2.97 -9.12
N GLY A 231 3.14 -2.19 -8.76
CA GLY A 231 4.40 -2.80 -8.33
C GLY A 231 4.25 -3.69 -7.12
N LEU A 232 3.36 -3.30 -6.19
CA LEU A 232 3.15 -4.14 -5.02
C LEU A 232 2.57 -5.49 -5.42
N SER A 233 1.62 -5.49 -6.36
CA SER A 233 1.08 -6.77 -6.84
C SER A 233 2.13 -7.56 -7.62
N ARG A 234 3.04 -6.88 -8.32
CA ARG A 234 4.11 -7.64 -8.99
C ARG A 234 5.08 -8.22 -7.98
N ALA A 235 5.31 -7.52 -6.85
CA ALA A 235 6.13 -8.09 -5.80
C ALA A 235 5.45 -9.33 -5.22
N LEU A 236 4.13 -9.27 -5.06
CA LEU A 236 3.39 -10.45 -4.61
C LEU A 236 3.56 -11.60 -5.60
N ASP A 237 3.55 -11.30 -6.92
CA ASP A 237 3.82 -12.37 -7.89
C ASP A 237 5.15 -13.05 -7.61
N TYR A 238 6.17 -12.27 -7.29
CA TYR A 238 7.46 -12.88 -6.96
C TYR A 238 7.35 -13.75 -5.70
N LEU A 239 6.67 -13.25 -4.65
CA LEU A 239 6.61 -13.99 -3.40
C LEU A 239 5.93 -15.35 -3.59
N GLU A 240 5.00 -15.46 -4.53
CA GLU A 240 4.37 -16.75 -4.82
C GLU A 240 5.38 -17.79 -5.30
N THR A 241 6.50 -17.36 -5.87
CA THR A 241 7.51 -18.27 -6.40
C THR A 241 8.61 -18.56 -5.40
N ASP A 242 8.70 -17.79 -4.33
CA ASP A 242 9.80 -17.92 -3.39
C ASP A 242 9.47 -18.99 -2.36
N PRO A 243 10.24 -20.08 -2.29
CA PRO A 243 9.85 -21.18 -1.38
C PRO A 243 10.00 -20.87 0.09
N LEU A 244 10.57 -19.73 0.45
CA LEU A 244 10.80 -19.41 1.86
C LEU A 244 9.64 -18.67 2.51
N VAL A 245 8.65 -18.23 1.74
CA VAL A 245 7.61 -17.37 2.26
C VAL A 245 6.27 -17.91 1.80
N ASP A 246 5.24 -17.56 2.54
CA ASP A 246 3.88 -17.98 2.25
C ASP A 246 3.13 -16.79 1.64
N ALA A 247 2.96 -16.81 0.31
CA ALA A 247 2.36 -15.67 -0.38
C ALA A 247 0.86 -15.54 -0.13
N SER A 248 0.22 -16.52 0.48
CA SER A 248 -1.17 -16.37 0.90
C SER A 248 -1.30 -15.66 2.24
N ARG A 249 -0.19 -15.28 2.86
CA ARG A 249 -0.20 -14.59 4.15
CA ARG A 249 -0.20 -14.59 4.15
C ARG A 249 0.71 -13.36 4.06
N VAL A 250 0.33 -12.45 3.17
CA VAL A 250 1.09 -11.22 2.95
C VAL A 250 0.24 -10.03 3.41
N ALA A 251 0.80 -9.28 4.35
CA ALA A 251 0.27 -7.99 4.79
C ALA A 251 0.95 -6.90 3.99
N VAL A 252 0.17 -6.16 3.20
CA VAL A 252 0.70 -5.06 2.39
C VAL A 252 0.45 -3.77 3.18
N HIS A 253 1.49 -2.95 3.33
CA HIS A 253 1.43 -1.79 4.21
C HIS A 253 2.12 -0.62 3.51
N GLY A 254 1.79 0.59 3.94
CA GLY A 254 2.56 1.71 3.45
C GLY A 254 2.29 2.91 4.33
N HIS A 255 3.25 3.85 4.29
CA HIS A 255 3.16 5.08 5.04
C HIS A 255 2.82 6.23 4.12
N SER A 256 1.87 7.07 4.54
CA SER A 256 1.59 8.29 3.81
C SER A 256 1.32 8.02 2.33
N ARG A 257 2.05 8.65 1.41
CA ARG A 257 1.72 8.47 -0.01
C ARG A 257 1.83 7.00 -0.43
N LEU A 258 2.80 6.26 0.12
CA LEU A 258 2.93 4.83 -0.15
C LEU A 258 1.85 4.00 0.51
N GLY A 259 1.19 4.55 1.53
CA GLY A 259 -0.01 3.96 2.07
C GLY A 259 -1.24 4.15 1.21
N LYS A 260 -1.32 5.29 0.49
CA LYS A 260 -2.34 5.41 -0.56
C LYS A 260 -2.18 4.26 -1.56
N ALA A 261 -0.94 4.00 -1.95
CA ALA A 261 -0.65 2.88 -2.86
C ALA A 261 -1.00 1.53 -2.25
N ALA A 262 -0.65 1.30 -0.97
CA ALA A 262 -1.00 0.01 -0.35
C ALA A 262 -2.51 -0.21 -0.34
N LEU A 263 -3.29 0.83 -0.08
CA LEU A 263 -4.75 0.68 -0.07
C LEU A 263 -5.28 0.35 -1.47
N TRP A 264 -4.81 1.08 -2.48
CA TRP A 264 -5.27 0.83 -3.85
C TRP A 264 -4.81 -0.54 -4.33
N ALA A 265 -3.60 -0.96 -3.94
CA ALA A 265 -3.16 -2.31 -4.30
C ALA A 265 -4.02 -3.37 -3.61
N GLY A 266 -4.26 -3.20 -2.32
CA GLY A 266 -5.06 -4.17 -1.59
C GLY A 266 -6.51 -4.21 -2.03
N ALA A 267 -7.06 -3.07 -2.46
CA ALA A 267 -8.42 -3.06 -2.97
C ALA A 267 -8.53 -3.75 -4.32
N GLN A 268 -7.57 -3.51 -5.20
CA GLN A 268 -7.66 -4.09 -6.54
C GLN A 268 -7.30 -5.57 -6.58
N ASP A 269 -6.41 -6.01 -5.68
CA ASP A 269 -5.83 -7.34 -5.75
C ASP A 269 -6.19 -8.11 -4.47
N ASP A 270 -7.18 -8.98 -4.57
CA ASP A 270 -7.62 -9.57 -3.33
C ASP A 270 -6.78 -10.78 -2.92
N ARG A 271 -5.64 -11.02 -3.57
CA ARG A 271 -4.68 -11.97 -3.05
C ARG A 271 -4.05 -11.48 -1.74
N PHE A 272 -3.95 -10.17 -1.57
CA PHE A 272 -3.35 -9.63 -0.35
C PHE A 272 -4.19 -10.00 0.86
N ALA A 273 -3.54 -10.61 1.84
CA ALA A 273 -4.27 -11.17 2.98
C ALA A 273 -4.72 -10.12 3.99
N LEU A 274 -3.98 -9.03 4.10
CA LEU A 274 -4.19 -8.00 5.12
C LEU A 274 -3.66 -6.68 4.58
N VAL A 275 -4.29 -5.57 4.95
CA VAL A 275 -3.95 -4.26 4.37
C VAL A 275 -3.75 -3.28 5.52
N ILE A 276 -2.62 -2.57 5.52
CA ILE A 276 -2.30 -1.57 6.54
C ILE A 276 -2.07 -0.23 5.86
N SER A 277 -2.87 0.77 6.25
CA SER A 277 -2.77 2.17 5.85
C SER A 277 -2.22 2.98 7.03
N ASN A 278 -0.96 3.39 6.96
CA ASN A 278 -0.37 4.19 8.04
C ASN A 278 -0.41 5.66 7.58
N GLU A 279 -1.39 6.39 8.08
CA GLU A 279 -1.43 7.83 7.89
C GLU A 279 -1.44 8.21 6.42
N SER A 280 -2.30 7.53 5.65
CA SER A 280 -2.31 7.72 4.20
C SER A 280 -3.03 8.98 3.76
N GLY A 281 -3.96 9.50 4.57
CA GLY A 281 -4.51 10.83 4.31
C GLY A 281 -5.30 10.97 3.02
N CYS A 282 -5.14 12.13 2.37
CA CYS A 282 -5.98 12.54 1.26
C CYS A 282 -5.82 11.60 0.06
N GLY A 283 -6.95 11.08 -0.45
CA GLY A 283 -6.85 10.08 -1.51
C GLY A 283 -6.41 8.73 -1.01
N GLY A 284 -6.33 8.56 0.28
CA GLY A 284 -6.06 7.30 0.89
C GLY A 284 -7.23 6.90 1.78
N ALA A 285 -7.05 6.99 3.10
CA ALA A 285 -8.11 6.62 4.03
C ALA A 285 -9.03 7.79 4.36
N ALA A 286 -8.56 9.01 4.18
CA ALA A 286 -9.34 10.17 4.62
C ALA A 286 -10.47 10.48 3.64
N LEU A 287 -11.64 10.83 4.19
CA LEU A 287 -12.76 11.26 3.37
C LEU A 287 -12.40 12.56 2.62
N SER A 288 -12.58 12.55 1.30
CA SER A 288 -12.37 13.79 0.53
C SER A 288 -13.49 14.80 0.75
N LYS A 289 -14.71 14.31 0.99
CA LYS A 289 -15.85 15.20 1.16
C LYS A 289 -15.84 15.94 2.49
N ARG A 290 -14.92 15.63 3.41
CA ARG A 290 -14.81 16.39 4.65
C ARG A 290 -14.08 17.72 4.47
N ILE A 291 -13.22 17.83 3.47
CA ILE A 291 -12.60 19.12 3.15
C ILE A 291 -11.82 19.60 4.37
N HIS A 292 -10.89 18.80 4.84
CA HIS A 292 -10.15 19.09 6.06
C HIS A 292 -8.70 18.74 5.80
N GLY A 293 -7.81 19.65 6.15
CA GLY A 293 -6.39 19.45 5.87
C GLY A 293 -6.13 19.48 4.37
N GLU A 294 -5.34 18.53 3.91
CA GLU A 294 -5.12 18.39 2.49
C GLU A 294 -6.42 18.11 1.76
N THR A 295 -6.71 18.89 0.72
CA THR A 295 -7.91 18.71 -0.10
C THR A 295 -7.54 18.19 -1.48
N VAL A 296 -8.57 17.82 -2.27
CA VAL A 296 -8.37 17.36 -3.63
C VAL A 296 -7.59 18.40 -4.45
N ALA A 297 -8.01 19.67 -4.36
CA ALA A 297 -7.30 20.70 -5.10
C ALA A 297 -5.85 20.82 -4.65
N ARG A 298 -5.59 20.75 -3.34
CA ARG A 298 -4.21 20.93 -2.87
C ARG A 298 -3.32 19.77 -3.29
N ILE A 299 -3.84 18.54 -3.26
CA ILE A 299 -2.98 17.39 -3.55
C ILE A 299 -2.68 17.32 -5.04
N ASN A 300 -3.68 17.60 -5.87
CA ASN A 300 -3.47 17.58 -7.32
C ASN A 300 -2.58 18.73 -7.77
N THR A 301 -2.66 19.87 -7.10
CA THR A 301 -1.84 21.00 -7.50
C THR A 301 -0.38 20.78 -7.12
N VAL A 302 -0.13 20.19 -5.96
CA VAL A 302 1.26 19.96 -5.56
C VAL A 302 1.81 18.70 -6.19
N PHE A 303 0.97 17.68 -6.39
CA PHE A 303 1.38 16.36 -6.87
C PHE A 303 0.53 15.96 -8.08
N PRO A 304 0.69 16.68 -9.20
CA PRO A 304 -0.17 16.44 -10.37
C PRO A 304 0.03 15.09 -11.02
N HIS A 305 1.11 14.38 -10.69
CA HIS A 305 1.37 13.07 -11.27
C HIS A 305 0.79 11.92 -10.44
N TRP A 306 0.26 12.19 -9.23
CA TRP A 306 -0.15 11.09 -8.34
C TRP A 306 -1.46 10.42 -8.79
N PHE A 307 -2.44 11.20 -9.22
CA PHE A 307 -3.77 10.71 -9.55
C PHE A 307 -4.03 10.84 -11.05
N ALA A 308 -5.20 10.37 -11.50
CA ALA A 308 -5.59 10.62 -12.87
C ALA A 308 -5.87 12.09 -13.06
N ARG A 309 -5.66 12.57 -14.28
CA ARG A 309 -6.10 13.92 -14.61
C ARG A 309 -7.59 14.10 -14.35
N ASN A 310 -8.41 13.04 -14.50
CA ASN A 310 -9.83 13.13 -14.18
C ASN A 310 -10.10 13.51 -12.74
N PHE A 311 -9.19 13.19 -11.81
CA PHE A 311 -9.38 13.56 -10.42
C PHE A 311 -9.43 15.07 -10.24
N ARG A 312 -8.84 15.82 -11.18
CA ARG A 312 -8.83 17.28 -11.09
C ARG A 312 -10.19 17.87 -11.37
N ARG A 313 -11.10 17.09 -11.94
CA ARG A 313 -12.48 17.53 -12.04
C ARG A 313 -13.04 17.91 -10.68
N TYR A 314 -12.54 17.28 -9.62
CA TYR A 314 -13.09 17.44 -8.28
C TYR A 314 -12.33 18.47 -7.45
N ASP A 315 -11.34 19.17 -8.04
CA ASP A 315 -10.66 20.25 -7.31
C ASP A 315 -11.71 21.26 -6.85
N ASP A 316 -11.77 21.50 -5.54
CA ASP A 316 -12.78 22.37 -4.93
C ASP A 316 -14.19 22.06 -5.40
N HIS A 317 -14.44 20.78 -5.70
CA HIS A 317 -15.78 20.30 -6.05
C HIS A 317 -15.96 18.88 -5.53
N GLU A 318 -15.48 18.62 -4.31
CA GLU A 318 -15.57 17.28 -3.75
C GLU A 318 -17.02 16.84 -3.61
N GLU A 319 -17.96 17.80 -3.50
CA GLU A 319 -19.37 17.42 -3.41
C GLU A 319 -19.82 16.62 -4.62
N ALA A 320 -19.12 16.72 -5.76
CA ALA A 320 -19.47 16.01 -6.99
C ALA A 320 -18.83 14.64 -7.09
N LEU A 321 -17.93 14.29 -6.19
CA LEU A 321 -17.32 12.97 -6.24
C LEU A 321 -18.42 11.91 -6.16
N PRO A 322 -18.37 10.87 -7.02
CA PRO A 322 -19.39 9.81 -6.98
C PRO A 322 -19.07 8.71 -5.99
N VAL A 323 -17.88 8.76 -5.38
CA VAL A 323 -17.44 7.83 -4.37
C VAL A 323 -16.71 8.66 -3.32
N ASP A 324 -16.44 8.06 -2.16
CA ASP A 324 -15.46 8.64 -1.26
C ASP A 324 -14.62 7.49 -0.71
N GLN A 325 -13.64 7.82 0.12
CA GLN A 325 -12.60 6.83 0.43
C GLN A 325 -13.08 5.74 1.37
N HIS A 326 -14.22 5.93 2.04
CA HIS A 326 -14.80 4.80 2.77
C HIS A 326 -15.11 3.63 1.83
N GLU A 327 -15.47 3.92 0.58
CA GLU A 327 -15.74 2.83 -0.36
C GLU A 327 -14.46 2.16 -0.84
N LEU A 328 -13.32 2.86 -0.86
CA LEU A 328 -12.06 2.18 -1.10
C LEU A 328 -11.72 1.24 0.06
N LEU A 329 -11.95 1.68 1.29
CA LEU A 329 -11.69 0.79 2.43
C LEU A 329 -12.59 -0.43 2.38
N ALA A 330 -13.87 -0.22 2.04
CA ALA A 330 -14.82 -1.34 1.90
C ALA A 330 -14.39 -2.36 0.85
N LEU A 331 -13.65 -1.92 -0.17
CA LEU A 331 -13.13 -2.85 -1.17
C LEU A 331 -12.10 -3.83 -0.62
N VAL A 332 -11.60 -3.63 0.61
CA VAL A 332 -10.72 -4.64 1.22
C VAL A 332 -11.52 -5.78 1.87
N ALA A 333 -12.77 -5.52 2.21
CA ALA A 333 -13.57 -6.51 2.93
C ALA A 333 -13.74 -7.77 2.09
N PRO A 334 -13.75 -8.94 2.72
CA PRO A 334 -13.72 -9.19 4.17
C PRO A 334 -12.33 -9.37 4.78
N ARG A 335 -11.30 -9.03 4.02
CA ARG A 335 -9.93 -9.19 4.49
C ARG A 335 -9.64 -8.13 5.56
N PRO A 336 -8.78 -8.45 6.53
CA PRO A 336 -8.50 -7.49 7.61
C PRO A 336 -7.84 -6.22 7.10
N LEU A 337 -8.29 -5.10 7.63
CA LEU A 337 -7.84 -3.76 7.24
C LEU A 337 -7.52 -2.93 8.47
N TYR A 338 -6.33 -2.33 8.51
CA TYR A 338 -5.91 -1.50 9.62
C TYR A 338 -5.71 -0.11 9.06
N VAL A 339 -6.38 0.87 9.63
CA VAL A 339 -6.21 2.29 9.28
C VAL A 339 -5.70 3.00 10.53
N ALA A 340 -4.60 3.74 10.41
CA ALA A 340 -4.10 4.43 11.59
C ALA A 340 -3.68 5.86 11.27
N SER A 341 -3.71 6.71 12.31
CA SER A 341 -3.41 8.12 12.22
C SER A 341 -2.39 8.55 13.28
N ALA A 342 -1.88 9.76 13.08
CA ALA A 342 -1.02 10.44 14.05
C ALA A 342 -1.73 11.70 14.52
N GLU A 343 -1.70 11.91 15.84
CA GLU A 343 -2.54 12.94 16.45
C GLU A 343 -2.26 14.33 15.88
N ASP A 344 -0.99 14.65 15.61
CA ASP A 344 -0.64 15.98 15.12
C ASP A 344 -0.71 16.09 13.60
N ASP A 345 -1.04 15.02 12.89
CA ASP A 345 -0.99 14.96 11.42
C ASP A 345 -2.31 15.45 10.84
N ASP A 346 -2.66 16.71 11.16
CA ASP A 346 -3.94 17.26 10.73
C ASP A 346 -4.07 17.25 9.20
N TRP A 347 -2.95 17.37 8.48
CA TRP A 347 -2.95 17.39 7.03
C TRP A 347 -3.60 16.14 6.46
N ALA A 348 -3.42 15.00 7.12
CA ALA A 348 -4.03 13.75 6.70
C ALA A 348 -5.48 13.61 7.16
N ASP A 349 -5.95 14.51 8.04
CA ASP A 349 -7.29 14.49 8.62
C ASP A 349 -7.57 13.20 9.36
N PRO A 350 -6.94 13.00 10.55
CA PRO A 350 -7.22 11.80 11.36
C PRO A 350 -8.70 11.54 11.61
N ARG A 351 -9.50 12.57 11.91
CA ARG A 351 -10.92 12.31 12.09
C ARG A 351 -11.57 11.84 10.79
N GLY A 352 -11.10 12.36 9.65
CA GLY A 352 -11.58 11.88 8.37
C GLY A 352 -11.21 10.43 8.09
N GLU A 353 -10.01 10.03 8.48
CA GLU A 353 -9.61 8.62 8.34
C GLU A 353 -10.46 7.73 9.23
N PHE A 354 -10.74 8.19 10.46
CA PHE A 354 -11.61 7.40 11.34
C PHE A 354 -13.04 7.31 10.82
N LEU A 355 -13.59 8.42 10.36
CA LEU A 355 -14.96 8.39 9.86
C LEU A 355 -15.07 7.56 8.58
N ALA A 356 -14.01 7.51 7.77
CA ALA A 356 -14.02 6.59 6.63
C ALA A 356 -14.12 5.14 7.11
N VAL A 357 -13.36 4.80 8.15
CA VAL A 357 -13.46 3.46 8.74
C VAL A 357 -14.88 3.19 9.20
N LYS A 358 -15.52 4.18 9.85
CA LYS A 358 -16.87 3.99 10.36
C LYS A 358 -17.87 3.82 9.21
N ALA A 359 -17.71 4.58 8.13
CA ALA A 359 -18.61 4.49 6.99
C ALA A 359 -18.36 3.23 6.17
N ALA A 360 -17.20 2.60 6.33
CA ALA A 360 -16.93 1.34 5.65
C ALA A 360 -17.39 0.14 6.47
N GLU A 361 -17.60 0.33 7.78
CA GLU A 361 -17.94 -0.77 8.65
C GLU A 361 -19.15 -1.58 8.21
N PRO A 362 -20.23 -0.98 7.67
CA PRO A 362 -21.39 -1.81 7.29
C PRO A 362 -21.03 -2.88 6.27
N VAL A 363 -20.04 -2.62 5.42
CA VAL A 363 -19.62 -3.63 4.47
C VAL A 363 -18.88 -4.75 5.19
N PHE A 364 -18.01 -4.39 6.13
CA PHE A 364 -17.33 -5.42 6.92
C PHE A 364 -18.32 -6.22 7.75
N ARG A 365 -19.37 -5.56 8.25
CA ARG A 365 -20.38 -6.26 9.05
CA ARG A 365 -20.39 -6.25 9.05
C ARG A 365 -21.19 -7.22 8.20
N LEU A 366 -21.44 -6.86 6.93
CA LEU A 366 -22.06 -7.79 5.98
C LEU A 366 -21.35 -9.13 5.98
N PHE A 367 -20.04 -9.12 6.16
CA PHE A 367 -19.21 -10.32 6.19
C PHE A 367 -18.96 -10.81 7.61
N GLY A 368 -19.68 -10.29 8.59
CA GLY A 368 -19.54 -10.75 9.96
C GLY A 368 -18.35 -10.20 10.72
N GLN A 369 -17.70 -9.15 10.23
N GLN A 369 -17.68 -9.18 10.21
CA GLN A 369 -16.55 -8.57 10.91
CA GLN A 369 -16.54 -8.59 10.90
C GLN A 369 -16.95 -7.29 11.62
C GLN A 369 -17.00 -7.36 11.68
N THR A 370 -16.13 -6.89 12.58
CA THR A 370 -16.46 -5.80 13.47
CA THR A 370 -16.46 -5.80 13.47
C THR A 370 -15.45 -4.65 13.30
N GLY A 371 -15.95 -3.44 13.33
CA GLY A 371 -15.11 -2.26 13.28
C GLY A 371 -15.03 -1.57 14.63
N PRO A 372 -14.39 -0.41 14.67
CA PRO A 372 -14.27 0.33 15.92
C PRO A 372 -15.63 0.59 16.54
N SER A 373 -15.71 0.39 17.86
CA SER A 373 -16.86 0.84 18.62
C SER A 373 -16.68 2.32 18.92
N GLY A 374 -17.68 3.12 18.59
CA GLY A 374 -17.63 4.51 18.96
C GLY A 374 -17.91 5.43 17.78
N GLU A 375 -18.26 6.66 18.10
CA GLU A 375 -18.61 7.65 17.10
C GLU A 375 -17.56 8.74 16.97
N ASP A 376 -16.59 8.82 17.90
CA ASP A 376 -15.52 9.78 17.79
C ASP A 376 -14.17 9.08 17.90
N VAL A 377 -13.14 9.80 17.48
CA VAL A 377 -11.79 9.23 17.44
C VAL A 377 -11.46 8.65 18.82
N PRO A 378 -10.97 7.42 18.89
CA PRO A 378 -10.57 6.85 20.18
C PRO A 378 -9.42 7.63 20.79
N ARG A 379 -9.17 7.35 22.07
CA ARG A 379 -8.05 7.96 22.75
C ARG A 379 -6.75 7.40 22.20
N VAL A 380 -5.68 8.19 22.37
CA VAL A 380 -4.41 7.80 21.79
C VAL A 380 -3.96 6.46 22.34
N ASN A 381 -3.33 5.68 21.45
CA ASN A 381 -2.68 4.41 21.78
C ASN A 381 -3.66 3.39 22.35
N GLU A 382 -4.92 3.52 21.96
CA GLU A 382 -6.01 2.60 22.35
C GLU A 382 -6.69 2.12 21.06
N PRO A 383 -6.14 1.11 20.40
CA PRO A 383 -6.76 0.66 19.13
C PRO A 383 -8.18 0.18 19.37
N SER A 384 -8.97 0.16 18.30
CA SER A 384 -10.37 -0.20 18.42
C SER A 384 -10.82 -0.89 17.14
N GLY A 385 -11.56 -1.98 17.31
CA GLY A 385 -12.12 -2.71 16.19
C GLY A 385 -11.59 -4.12 16.08
N GLY A 386 -12.33 -4.97 15.38
CA GLY A 386 -11.89 -6.32 15.19
C GLY A 386 -11.00 -6.47 13.97
N ALA A 387 -11.55 -7.05 12.91
CA ALA A 387 -10.79 -7.20 11.68
C ALA A 387 -10.68 -5.88 10.93
N LEU A 388 -11.55 -4.93 11.26
CA LEU A 388 -11.48 -3.55 10.78
C LEU A 388 -11.02 -2.73 11.97
N ARG A 389 -9.77 -2.27 11.94
CA ARG A 389 -9.16 -1.72 13.15
C ARG A 389 -8.59 -0.35 12.89
N TYR A 390 -8.63 0.48 13.93
CA TYR A 390 -8.12 1.85 13.86
C TYR A 390 -7.35 2.16 15.11
N HIS A 391 -6.27 2.91 14.98
CA HIS A 391 -5.73 3.62 16.13
C HIS A 391 -5.20 4.99 15.72
N ILE A 392 -5.07 5.85 16.71
CA ILE A 392 -4.37 7.13 16.58
C ILE A 392 -3.32 7.15 17.67
N ARG A 393 -2.12 7.61 17.34
CA ARG A 393 -1.03 7.69 18.30
C ARG A 393 -0.59 9.14 18.47
N PRO A 394 0.07 9.47 19.58
CA PRO A 394 0.57 10.84 19.73
C PRO A 394 1.67 11.16 18.73
N GLY A 395 1.78 12.44 18.43
CA GLY A 395 2.92 13.00 17.73
C GLY A 395 2.67 13.23 16.26
N PRO A 396 3.72 13.60 15.54
CA PRO A 396 3.58 13.96 14.12
C PRO A 396 3.60 12.78 13.17
N ALA A 397 3.42 13.06 11.90
CA ALA A 397 3.40 12.01 10.89
C ALA A 397 4.69 11.20 10.93
N GLY A 398 4.54 9.90 10.75
CA GLY A 398 5.66 8.98 10.76
C GLY A 398 5.14 7.58 10.92
N MET A 399 6.08 6.65 11.02
CA MET A 399 5.74 5.25 11.21
C MET A 399 6.68 4.73 12.28
N THR A 400 6.16 4.64 13.49
CA THR A 400 6.95 4.53 14.68
C THR A 400 6.90 3.10 15.20
N ALA A 401 7.76 2.83 16.18
CA ALA A 401 7.76 1.53 16.84
C ALA A 401 6.39 1.25 17.44
N GLN A 402 5.67 2.30 17.86
CA GLN A 402 4.35 2.11 18.42
C GLN A 402 3.36 1.67 17.35
N ASP A 403 3.40 2.29 16.17
CA ASP A 403 2.55 1.84 15.08
C ASP A 403 2.82 0.37 14.76
N TRP A 404 4.10 0.02 14.61
CA TRP A 404 4.46 -1.36 14.24
C TRP A 404 4.08 -2.37 15.32
N ALA A 405 4.16 -1.97 16.60
CA ALA A 405 3.74 -2.90 17.65
C ALA A 405 2.30 -3.28 17.47
N PHE A 406 1.45 -2.29 17.17
CA PHE A 406 0.04 -2.57 17.00
C PHE A 406 -0.22 -3.38 15.72
N TYR A 407 0.53 -3.11 14.65
CA TYR A 407 0.37 -3.89 13.42
C TYR A 407 0.79 -5.35 13.61
N LEU A 408 1.85 -5.60 14.37
CA LEU A 408 2.31 -6.98 14.59
C LEU A 408 1.28 -7.78 15.39
N ALA A 409 0.68 -7.17 16.42
CA ALA A 409 -0.42 -7.84 17.13
C ALA A 409 -1.60 -8.09 16.20
N PHE A 410 -1.93 -7.13 15.35
CA PHE A 410 -3.00 -7.32 14.36
C PHE A 410 -2.70 -8.50 13.44
N ALA A 411 -1.46 -8.58 12.94
CA ALA A 411 -1.11 -9.68 12.03
C ALA A 411 -1.11 -11.01 12.77
N ASP A 412 -0.66 -11.02 14.03
CA ASP A 412 -0.72 -12.24 14.83
C ASP A 412 -2.15 -12.77 14.89
N GLU A 413 -3.11 -11.86 14.96
CA GLU A 413 -4.50 -12.26 15.18
C GLU A 413 -5.15 -12.70 13.89
N TRP A 414 -4.85 -12.01 12.78
CA TRP A 414 -5.54 -12.16 11.51
C TRP A 414 -4.65 -12.68 10.40
N LEU A 415 -3.42 -13.12 10.70
CA LEU A 415 -2.51 -13.67 9.70
C LEU A 415 -1.87 -14.98 10.15
N LYS A 416 -2.45 -15.62 11.17
N LYS A 416 -2.42 -15.61 11.19
CA LYS A 416 -2.12 -16.99 11.56
CA LYS A 416 -2.05 -16.99 11.53
C LYS A 416 -3.02 -17.93 10.76
C LYS A 416 -3.02 -17.90 10.76
N SER A 417 -2.74 -18.02 9.45
CA SER A 417 -3.67 -18.59 8.49
C SER A 417 -3.08 -19.76 7.68
N ALA A 418 -2.06 -20.45 8.22
CA ALA A 418 -1.40 -21.52 7.48
C ALA A 418 -2.15 -22.85 7.54
N LEU A 419 -3.38 -22.86 8.04
CA LEU A 419 -4.22 -24.04 8.17
C LEU A 419 -5.57 -23.74 7.53
N PRO A 420 -6.35 -24.79 7.20
CA PRO A 420 -7.63 -24.59 6.51
C PRO A 420 -8.81 -24.35 7.45
#